data_4PBS
#
_entry.id   4PBS
#
_cell.length_a   101.470
_cell.length_b   101.470
_cell.length_c   71.670
_cell.angle_alpha   90.00
_cell.angle_beta   90.00
_cell.angle_gamma   90.00
#
_symmetry.space_group_name_H-M   'P 43 21 2'
#
loop_
_entity.id
_entity.type
_entity.pdbx_description
1 polymer 'Tyrosine--tRNA ligase'
2 non-polymer 4-[(2-bromo-2-methylpropanoyl)amino]-L-phenylalanine
3 water water
#
_entity_poly.entity_id   1
_entity_poly.type   'polypeptide(L)'
_entity_poly.pdbx_seq_one_letter_code
;MDEFEMIKRNTSEIISEEELREVLKKDEKSAGIGFEPSGKIHLGHYLQIKKMIDLQNAGFDIIIELADLHAYLNQKGELD
EIRKIGDYNKKVFEAMGLKAKYVYGSEFQLDKDYTLNVYRLALKTTLKRARRSMELIAREDENPKVAEVIYPIMQVNGCH
YLGVDVAVGGMEQRKIHMLARELLPKKVVCIHNPVLTGLDGEGKMSSSKGNFIAVDDSPEEIRAKIKKAYCPAGVVEGNP
IMEIAKYFLEYPLTIKRPEKFGGDLTVNSYEELESLFKNKELHPMDLKNAVAEELIKILEPIRKRLLEHHHHHH
;
_entity_poly.pdbx_strand_id   A
#
loop_
_chem_comp.id
_chem_comp.type
_chem_comp.name
_chem_comp.formula
2L7 non-polymer 4-[(2-bromo-2-methylpropanoyl)amino]-L-phenylalanine 'C13 H17 Br N2 O3'
#
# COMPACT_ATOMS: atom_id res chain seq x y z
N MET A 1 -19.24 14.00 -4.26
CA MET A 1 -18.04 13.38 -3.73
C MET A 1 -17.25 14.34 -2.87
N ASP A 2 -17.69 14.53 -1.62
CA ASP A 2 -16.92 15.34 -0.70
C ASP A 2 -15.54 14.72 -0.49
N GLU A 3 -14.71 15.44 0.28
CA GLU A 3 -13.37 14.93 0.54
C GLU A 3 -13.40 13.62 1.32
N PHE A 4 -14.35 13.49 2.26
CA PHE A 4 -14.47 12.25 3.00
C PHE A 4 -14.59 11.04 2.07
N GLU A 5 -15.59 11.04 1.18
CA GLU A 5 -15.79 9.89 0.30
C GLU A 5 -14.64 9.74 -0.70
N MET A 6 -13.96 10.84 -1.02
CA MET A 6 -12.77 10.74 -1.84
C MET A 6 -11.67 10.00 -1.10
N ILE A 7 -11.41 10.38 0.15
CA ILE A 7 -10.46 9.61 0.96
C ILE A 7 -10.93 8.18 1.13
N LYS A 8 -12.24 7.97 1.32
CA LYS A 8 -12.76 6.64 1.60
C LYS A 8 -12.77 5.69 0.40
N ARG A 9 -12.76 6.22 -0.83
CA ARG A 9 -12.83 5.39 -2.02
C ARG A 9 -11.76 4.31 -2.01
N ASN A 10 -12.18 3.05 -2.13
CA ASN A 10 -11.30 1.89 -2.32
C ASN A 10 -10.40 1.63 -1.12
N THR A 11 -10.86 1.99 0.07
CA THR A 11 -10.22 1.59 1.31
C THR A 11 -10.97 0.41 1.89
N SER A 12 -10.28 -0.38 2.70
CA SER A 12 -10.95 -1.48 3.39
C SER A 12 -11.66 -0.99 4.65
N GLU A 13 -11.03 -0.11 5.41
CA GLU A 13 -11.69 0.44 6.58
C GLU A 13 -11.07 1.76 6.99
N ILE A 14 -11.86 2.58 7.67
CA ILE A 14 -11.43 3.83 8.27
C ILE A 14 -11.75 3.75 9.75
N ILE A 15 -10.72 3.87 10.58
CA ILE A 15 -10.88 3.84 12.02
C ILE A 15 -10.51 5.17 12.65
N SER A 16 -11.50 6.01 12.94
CA SER A 16 -12.90 5.75 12.62
C SER A 16 -13.43 6.85 11.72
N GLU A 17 -14.61 6.63 11.13
CA GLU A 17 -15.15 7.61 10.18
C GLU A 17 -15.46 8.93 10.87
N GLU A 18 -16.05 8.89 12.08
CA GLU A 18 -16.34 10.11 12.84
C GLU A 18 -15.07 10.87 13.18
N GLU A 19 -13.98 10.15 13.49
CA GLU A 19 -12.74 10.83 13.82
C GLU A 19 -12.13 11.49 12.58
N LEU A 20 -12.17 10.80 11.44
CA LEU A 20 -11.70 11.40 10.20
C LEU A 20 -12.45 12.68 9.87
N ARG A 21 -13.76 12.72 10.13
CA ARG A 21 -14.51 13.93 9.88
C ARG A 21 -14.04 15.07 10.76
N GLU A 22 -13.79 14.81 12.04
CA GLU A 22 -13.21 15.84 12.88
C GLU A 22 -11.88 16.33 12.33
N VAL A 23 -11.03 15.42 11.88
CA VAL A 23 -9.72 15.81 11.38
C VAL A 23 -9.83 16.67 10.12
N LEU A 24 -10.82 16.39 9.26
CA LEU A 24 -10.97 17.17 8.04
C LEU A 24 -11.25 18.63 8.33
N LYS A 25 -11.85 18.93 9.49
CA LYS A 25 -12.14 20.30 9.89
C LYS A 25 -10.90 21.18 10.01
N LYS A 26 -9.72 20.59 10.22
CA LYS A 26 -8.54 21.37 10.57
C LYS A 26 -7.89 21.97 9.32
N ASP A 27 -7.39 23.19 9.47
CA ASP A 27 -6.57 23.78 8.41
C ASP A 27 -5.25 23.03 8.26
N GLU A 28 -4.67 22.60 9.38
CA GLU A 28 -3.39 21.90 9.39
C GLU A 28 -3.63 20.48 9.87
N LYS A 29 -3.30 19.52 9.02
CA LYS A 29 -3.46 18.11 9.35
C LYS A 29 -2.48 17.31 8.52
N SER A 30 -1.92 16.26 9.11
CA SER A 30 -0.86 15.48 8.48
C SER A 30 -1.25 14.01 8.38
N ALA A 31 -0.77 13.38 7.32
CA ALA A 31 -0.97 11.97 7.09
C ALA A 31 0.38 11.30 6.88
N GLY A 32 0.56 10.12 7.47
CA GLY A 32 1.83 9.43 7.42
C GLY A 32 1.67 7.97 7.02
N ILE A 33 2.74 7.43 6.45
CA ILE A 33 2.80 6.03 6.08
C ILE A 33 4.28 5.68 6.02
N GLY A 34 4.61 4.43 6.30
CA GLY A 34 5.98 3.98 6.24
C GLY A 34 6.12 2.79 5.31
N PHE A 35 7.31 2.65 4.74
CA PHE A 35 7.64 1.53 3.84
C PHE A 35 9.02 1.01 4.20
N GLU A 36 9.13 -0.26 4.53
CA GLU A 36 10.44 -0.88 4.54
C GLU A 36 10.97 -0.82 3.13
N PRO A 37 12.17 -0.30 2.90
CA PRO A 37 12.67 -0.16 1.52
C PRO A 37 12.63 -1.49 0.77
N SER A 38 12.18 -1.45 -0.47
CA SER A 38 11.91 -2.63 -1.27
C SER A 38 12.66 -2.56 -2.59
N GLY A 39 13.26 -3.68 -2.99
CA GLY A 39 14.00 -3.71 -4.24
C GLY A 39 13.14 -3.35 -5.44
N LYS A 40 11.89 -3.79 -5.44
CA LYS A 40 10.92 -3.47 -6.48
CA LYS A 40 10.93 -3.46 -6.48
C LYS A 40 9.73 -2.77 -5.86
N ILE A 41 9.22 -1.75 -6.52
CA ILE A 41 8.00 -1.06 -6.10
C ILE A 41 6.85 -1.58 -6.97
N HIS A 42 5.84 -2.15 -6.35
CA HIS A 42 4.78 -2.82 -7.09
C HIS A 42 3.44 -2.12 -6.86
N LEU A 43 2.39 -2.72 -7.44
CA LEU A 43 1.06 -2.12 -7.38
C LEU A 43 0.52 -2.03 -5.96
N GLY A 44 1.02 -2.86 -5.04
CA GLY A 44 0.64 -2.69 -3.65
C GLY A 44 1.12 -1.38 -3.06
N HIS A 45 2.38 -1.00 -3.36
CA HIS A 45 2.88 0.31 -2.96
C HIS A 45 2.10 1.41 -3.66
N TYR A 46 1.87 1.24 -4.96
CA TYR A 46 1.21 2.29 -5.73
C TYR A 46 -0.18 2.56 -5.19
N LEU A 47 -0.94 1.50 -4.91
CA LEU A 47 -2.23 1.67 -4.23
C LEU A 47 -2.11 2.61 -3.02
N GLN A 48 -1.11 2.37 -2.15
N GLN A 48 -1.09 2.40 -2.17
CA GLN A 48 -0.94 3.23 -0.98
CA GLN A 48 -0.95 3.23 -0.98
C GLN A 48 -0.62 4.66 -1.39
C GLN A 48 -0.51 4.64 -1.29
N ILE A 49 0.29 4.82 -2.35
CA ILE A 49 0.70 6.17 -2.72
C ILE A 49 -0.47 6.93 -3.31
N LYS A 50 -1.29 6.25 -4.14
CA LYS A 50 -2.53 6.86 -4.61
C LYS A 50 -3.35 7.39 -3.44
N LYS A 51 -3.50 6.57 -2.39
CA LYS A 51 -4.29 6.99 -1.24
C LYS A 51 -3.64 8.16 -0.52
N MET A 52 -2.31 8.22 -0.50
CA MET A 52 -1.65 9.40 0.05
C MET A 52 -1.89 10.60 -0.85
N ILE A 53 -2.01 10.38 -2.16
CA ILE A 53 -2.25 11.49 -3.04
C ILE A 53 -3.65 12.05 -2.81
N ASP A 54 -4.64 11.19 -2.56
CA ASP A 54 -5.99 11.65 -2.20
C ASP A 54 -5.95 12.54 -0.97
N LEU A 55 -5.26 12.08 0.07
CA LEU A 55 -5.16 12.84 1.32
C LEU A 55 -4.50 14.19 1.06
N GLN A 56 -3.40 14.17 0.31
CA GLN A 56 -2.76 15.41 -0.09
C GLN A 56 -3.74 16.34 -0.76
N ASN A 57 -4.49 15.81 -1.74
CA ASN A 57 -5.50 16.62 -2.42
C ASN A 57 -6.60 17.09 -1.49
N ALA A 58 -6.84 16.41 -0.38
CA ALA A 58 -7.75 16.92 0.64
C ALA A 58 -7.08 17.91 1.59
N GLY A 59 -5.87 18.38 1.28
CA GLY A 59 -5.17 19.31 2.13
C GLY A 59 -4.35 18.71 3.24
N PHE A 60 -3.98 17.43 3.16
CA PHE A 60 -3.09 16.85 4.16
C PHE A 60 -1.64 17.11 3.78
N ASP A 61 -0.83 17.44 4.78
CA ASP A 61 0.61 17.33 4.64
C ASP A 61 1.00 15.87 4.76
N ILE A 62 1.81 15.39 3.83
CA ILE A 62 2.16 13.98 3.73
C ILE A 62 3.57 13.76 4.25
N ILE A 63 3.72 12.71 5.06
CA ILE A 63 5.00 12.29 5.63
C ILE A 63 5.19 10.83 5.24
N ILE A 64 6.28 10.53 4.53
CA ILE A 64 6.60 9.16 4.14
C ILE A 64 7.82 8.73 4.94
N GLU A 65 7.68 7.67 5.74
CA GLU A 65 8.83 7.14 6.47
C GLU A 65 9.53 6.09 5.60
N LEU A 66 10.78 6.37 5.24
CA LEU A 66 11.66 5.37 4.63
C LEU A 66 12.22 4.55 5.79
N ALA A 67 11.58 3.42 6.05
CA ALA A 67 11.69 2.76 7.35
C ALA A 67 12.89 1.82 7.35
N ASP A 68 14.08 2.43 7.28
CA ASP A 68 15.32 1.66 7.23
C ASP A 68 15.53 0.84 8.51
N LEU A 69 15.13 1.38 9.66
CA LEU A 69 15.39 0.67 10.91
C LEU A 69 14.36 -0.43 11.12
N HIS A 70 13.10 -0.20 10.74
CA HIS A 70 12.14 -1.30 10.75
C HIS A 70 12.59 -2.44 9.84
N ALA A 71 13.07 -2.11 8.65
CA ALA A 71 13.54 -3.16 7.76
C ALA A 71 14.76 -3.85 8.36
N TYR A 72 15.61 -3.10 9.07
CA TYR A 72 16.74 -3.73 9.75
C TYR A 72 16.26 -4.70 10.82
N LEU A 73 15.25 -4.30 11.61
CA LEU A 73 14.71 -5.18 12.64
C LEU A 73 13.98 -6.38 12.03
N ASN A 74 13.40 -6.21 10.84
CA ASN A 74 12.74 -7.27 10.09
C ASN A 74 13.68 -8.00 9.11
N GLN A 75 14.98 -8.01 9.37
CA GLN A 75 15.93 -8.91 8.71
C GLN A 75 16.03 -8.68 7.20
N LYS A 76 16.01 -7.42 6.77
CA LYS A 76 16.23 -7.12 5.36
C LYS A 76 17.69 -6.77 5.06
N GLY A 77 18.60 -6.89 6.04
CA GLY A 77 20.02 -6.74 5.79
C GLY A 77 20.62 -5.61 6.59
N GLU A 78 21.67 -5.01 6.03
CA GLU A 78 22.45 -3.96 6.67
C GLU A 78 21.88 -2.58 6.35
N LEU A 79 21.97 -1.68 7.34
CA LEU A 79 21.32 -0.38 7.25
C LEU A 79 21.74 0.41 6.03
N ASP A 80 23.03 0.35 5.67
CA ASP A 80 23.50 1.16 4.55
C ASP A 80 22.86 0.68 3.24
N GLU A 81 22.82 -0.64 3.04
CA GLU A 81 22.17 -1.19 1.85
C GLU A 81 20.67 -0.92 1.88
N ILE A 82 20.06 -1.00 3.07
CA ILE A 82 18.65 -0.67 3.21
C ILE A 82 18.41 0.79 2.85
N ARG A 83 19.30 1.68 3.29
CA ARG A 83 19.15 3.10 3.04
C ARG A 83 19.32 3.45 1.57
N LYS A 84 20.16 2.70 0.85
CA LYS A 84 20.30 2.89 -0.59
C LYS A 84 18.99 2.58 -1.31
N ILE A 85 18.42 1.41 -1.02
CA ILE A 85 17.10 1.04 -1.52
C ILE A 85 16.05 2.05 -1.09
N GLY A 86 16.16 2.59 0.12
CA GLY A 86 15.25 3.65 0.54
C GLY A 86 15.26 4.81 -0.44
N ASP A 87 16.44 5.20 -0.89
CA ASP A 87 16.56 6.36 -1.76
C ASP A 87 15.93 6.08 -3.12
N TYR A 88 16.10 4.86 -3.63
CA TYR A 88 15.47 4.48 -4.88
C TYR A 88 13.95 4.57 -4.76
N ASN A 89 13.40 4.05 -3.65
CA ASN A 89 11.96 4.11 -3.43
C ASN A 89 11.44 5.54 -3.47
N LYS A 90 12.11 6.48 -2.82
CA LYS A 90 11.68 7.88 -2.88
C LYS A 90 11.54 8.35 -4.33
N LYS A 91 12.55 8.08 -5.16
CA LYS A 91 12.48 8.46 -6.57
C LYS A 91 11.22 7.88 -7.22
N VAL A 92 10.93 6.62 -6.98
CA VAL A 92 9.73 5.99 -7.53
C VAL A 92 8.48 6.70 -7.03
N PHE A 93 8.42 6.97 -5.72
CA PHE A 93 7.28 7.67 -5.13
C PHE A 93 7.15 9.08 -5.69
N GLU A 94 8.26 9.71 -6.02
CA GLU A 94 8.15 11.01 -6.67
C GLU A 94 7.69 10.88 -8.13
N ALA A 95 8.25 9.93 -8.88
CA ALA A 95 7.75 9.67 -10.23
C ALA A 95 6.29 9.25 -10.23
N MET A 96 5.72 8.85 -9.10
CA MET A 96 4.28 8.62 -9.01
C MET A 96 3.49 9.91 -8.84
N GLY A 97 4.16 11.05 -8.70
CA GLY A 97 3.48 12.31 -8.51
C GLY A 97 3.17 12.68 -7.08
N LEU A 98 3.81 12.05 -6.10
CA LEU A 98 3.58 12.38 -4.70
C LEU A 98 4.53 13.49 -4.27
N LYS A 99 3.95 14.58 -3.77
CA LYS A 99 4.71 15.65 -3.13
C LYS A 99 4.62 15.44 -1.62
N ALA A 100 5.74 15.12 -0.99
CA ALA A 100 5.74 14.76 0.43
C ALA A 100 7.10 15.03 1.06
N LYS A 101 7.10 15.00 2.39
CA LYS A 101 8.32 14.97 3.20
C LYS A 101 8.75 13.52 3.37
N TYR A 102 10.01 13.22 3.04
CA TYR A 102 10.58 11.89 3.18
C TYR A 102 11.60 11.90 4.31
N VAL A 103 11.44 10.98 5.25
N VAL A 103 11.43 11.00 5.27
CA VAL A 103 12.34 10.88 6.39
CA VAL A 103 12.36 10.87 6.39
C VAL A 103 12.79 9.43 6.56
C VAL A 103 12.80 9.42 6.53
N TYR A 104 14.08 9.23 6.80
CA TYR A 104 14.57 7.91 7.19
C TYR A 104 14.24 7.74 8.65
N GLY A 105 13.63 6.61 8.99
CA GLY A 105 13.29 6.38 10.39
C GLY A 105 14.49 6.51 11.30
N SER A 106 15.62 5.97 10.87
CA SER A 106 16.80 6.01 11.73
C SER A 106 17.22 7.45 12.06
N GLU A 107 16.63 8.45 11.43
CA GLU A 107 17.01 9.82 11.75
C GLU A 107 16.50 10.22 13.12
N PHE A 108 15.37 9.67 13.54
CA PHE A 108 14.79 10.00 14.85
C PHE A 108 14.60 8.79 15.76
N GLN A 109 14.59 7.57 15.24
CA GLN A 109 14.23 6.41 16.04
C GLN A 109 15.34 5.94 16.98
N LEU A 110 16.44 6.69 17.07
CA LEU A 110 17.52 6.33 17.98
C LEU A 110 17.79 7.40 19.04
N ASP A 111 17.00 8.48 19.09
CA ASP A 111 17.20 9.50 20.10
C ASP A 111 16.85 8.95 21.48
N LYS A 112 17.56 9.46 22.51
CA LYS A 112 17.39 9.03 23.89
C LYS A 112 15.92 9.02 24.29
N ASP A 113 15.19 10.06 23.92
CA ASP A 113 13.80 10.18 24.35
C ASP A 113 12.90 9.24 23.56
N TYR A 114 13.18 9.04 22.27
CA TYR A 114 12.45 8.04 21.50
C TYR A 114 12.62 6.67 22.12
N THR A 115 13.88 6.28 22.38
CA THR A 115 14.19 4.99 22.97
C THR A 115 13.49 4.81 24.32
N LEU A 116 13.51 5.84 25.16
CA LEU A 116 12.91 5.72 26.48
C LEU A 116 11.42 5.46 26.36
N ASN A 117 10.78 6.15 25.42
CA ASN A 117 9.36 5.93 25.19
C ASN A 117 9.10 4.55 24.61
N VAL A 118 9.99 4.04 23.76
CA VAL A 118 9.83 2.68 23.28
C VAL A 118 9.82 1.72 24.46
N TYR A 119 10.70 1.93 25.43
CA TYR A 119 10.75 1.06 26.59
C TYR A 119 9.54 1.27 27.49
N ARG A 120 9.01 2.48 27.58
CA ARG A 120 7.74 2.69 28.28
C ARG A 120 6.64 1.86 27.63
N LEU A 121 6.52 1.92 26.30
CA LEU A 121 5.52 1.12 25.60
C LEU A 121 5.76 -0.37 25.76
N ALA A 122 7.04 -0.80 25.80
CA ALA A 122 7.31 -2.22 25.98
C ALA A 122 6.76 -2.74 27.30
N LEU A 123 6.58 -1.84 28.28
CA LEU A 123 6.03 -2.21 29.58
C LEU A 123 4.51 -2.34 29.54
N LYS A 124 3.87 -1.84 28.49
CA LYS A 124 2.41 -1.84 28.39
C LYS A 124 1.93 -2.74 27.27
N THR A 125 2.84 -3.39 26.54
CA THR A 125 2.51 -4.26 25.43
C THR A 125 2.91 -5.68 25.81
N THR A 126 1.94 -6.58 25.86
CA THR A 126 2.26 -7.97 26.11
C THR A 126 2.94 -8.59 24.89
N LEU A 127 3.84 -9.54 25.17
CA LEU A 127 4.48 -10.31 24.10
C LEU A 127 3.43 -10.92 23.18
N LYS A 128 2.32 -11.40 23.75
CA LYS A 128 1.31 -12.04 22.92
C LYS A 128 0.64 -11.02 22.00
N ARG A 129 0.31 -9.85 22.53
CA ARG A 129 -0.24 -8.80 21.68
C ARG A 129 0.76 -8.36 20.63
N ALA A 130 2.04 -8.30 20.99
CA ALA A 130 3.07 -7.85 20.04
C ALA A 130 3.25 -8.85 18.91
N ARG A 131 3.31 -10.15 19.24
CA ARG A 131 3.49 -11.15 18.19
C ARG A 131 2.25 -11.29 17.32
N ARG A 132 1.06 -11.02 17.87
CA ARG A 132 -0.14 -11.07 17.05
C ARG A 132 -0.08 -9.99 15.97
N SER A 133 0.38 -8.80 16.33
CA SER A 133 0.36 -7.68 15.41
C SER A 133 1.37 -7.87 14.28
N MET A 134 2.30 -8.79 14.43
CA MET A 134 3.36 -8.98 13.45
C MET A 134 3.13 -10.19 12.56
N GLU A 135 2.00 -10.88 12.75
CA GLU A 135 1.75 -12.14 12.04
C GLU A 135 1.80 -11.97 10.52
N LEU A 136 1.36 -10.82 10.02
CA LEU A 136 1.30 -10.59 8.59
C LEU A 136 2.45 -9.72 8.09
N ILE A 137 3.40 -9.38 8.97
CA ILE A 137 4.49 -8.47 8.68
C ILE A 137 5.85 -9.12 8.84
N ALA A 138 5.99 -10.01 9.82
CA ALA A 138 7.31 -10.51 10.21
C ALA A 138 7.89 -11.40 9.13
N ARG A 139 9.17 -11.19 8.84
CA ARG A 139 9.89 -12.11 7.97
C ARG A 139 9.77 -13.53 8.51
N GLU A 140 9.52 -14.49 7.60
CA GLU A 140 9.34 -15.88 7.99
C GLU A 140 10.59 -16.39 8.71
N ASP A 141 10.41 -16.88 9.94
CA ASP A 141 11.54 -17.32 10.75
C ASP A 141 11.11 -18.47 11.64
N GLU A 142 11.84 -19.58 11.56
CA GLU A 142 11.56 -20.72 12.44
C GLU A 142 11.93 -20.43 13.88
N ASN A 143 12.71 -19.37 14.11
CA ASN A 143 13.24 -19.04 15.42
C ASN A 143 13.07 -17.54 15.60
N PRO A 144 11.86 -17.07 15.88
CA PRO A 144 11.60 -15.64 15.92
C PRO A 144 12.53 -14.91 16.87
N LYS A 145 12.96 -13.73 16.45
CA LYS A 145 13.91 -12.90 17.17
C LYS A 145 13.20 -11.90 18.07
N VAL A 146 13.93 -11.44 19.09
CA VAL A 146 13.42 -10.38 19.94
C VAL A 146 13.10 -9.16 19.11
N ALA A 147 13.89 -8.90 18.07
CA ALA A 147 13.63 -7.79 17.16
C ALA A 147 12.18 -7.78 16.66
N GLU A 148 11.57 -8.95 16.49
CA GLU A 148 10.20 -9.01 15.98
C GLU A 148 9.22 -8.28 16.89
N VAL A 149 9.43 -8.33 18.21
CA VAL A 149 8.49 -7.66 19.10
C VAL A 149 8.91 -6.24 19.44
N ILE A 150 10.14 -5.85 19.11
CA ILE A 150 10.50 -4.43 19.23
C ILE A 150 9.84 -3.61 18.11
N TYR A 151 9.75 -4.18 16.91
CA TYR A 151 9.21 -3.57 15.69
C TYR A 151 7.88 -2.88 15.92
N PRO A 152 6.86 -3.60 16.40
CA PRO A 152 5.52 -2.97 16.52
C PRO A 152 5.50 -1.79 17.47
N ILE A 153 6.25 -1.84 18.57
N ILE A 153 6.24 -1.89 18.57
CA ILE A 153 6.21 -0.71 19.49
CA ILE A 153 6.32 -0.79 19.54
C ILE A 153 7.04 0.45 18.97
C ILE A 153 6.98 0.42 18.90
N MET A 154 8.03 0.20 18.12
CA MET A 154 8.73 1.30 17.49
C MET A 154 7.86 1.98 16.46
N GLN A 155 7.04 1.21 15.75
CA GLN A 155 6.10 1.82 14.82
C GLN A 155 5.04 2.64 15.55
N VAL A 156 4.57 2.12 16.68
CA VAL A 156 3.62 2.88 17.50
C VAL A 156 4.24 4.21 17.92
N ASN A 157 5.46 4.16 18.44
CA ASN A 157 6.10 5.39 18.89
C ASN A 157 6.36 6.34 17.73
N GLY A 158 6.62 5.80 16.54
CA GLY A 158 6.78 6.65 15.38
C GLY A 158 5.55 7.50 15.12
N CYS A 159 4.36 6.88 15.23
CA CYS A 159 3.11 7.64 15.14
C CYS A 159 3.11 8.77 16.15
N HIS A 160 3.44 8.44 17.39
CA HIS A 160 3.51 9.44 18.45
C HIS A 160 4.52 10.53 18.11
N TYR A 161 5.74 10.14 17.75
CA TYR A 161 6.80 11.13 17.58
C TYR A 161 6.56 12.02 16.36
N LEU A 162 6.03 11.45 15.28
CA LEU A 162 5.76 12.26 14.11
C LEU A 162 4.47 13.07 14.24
N GLY A 163 3.60 12.75 15.18
CA GLY A 163 2.42 13.57 15.45
C GLY A 163 1.38 13.62 14.35
N VAL A 164 1.33 12.61 13.48
CA VAL A 164 0.35 12.60 12.39
C VAL A 164 -1.06 12.53 12.95
N ASP A 165 -2.02 13.10 12.21
CA ASP A 165 -3.43 12.91 12.54
C ASP A 165 -4.01 11.64 11.94
N VAL A 166 -3.40 11.12 10.87
CA VAL A 166 -3.90 9.98 10.13
C VAL A 166 -2.71 9.08 9.83
N ALA A 167 -2.87 7.79 10.08
CA ALA A 167 -1.94 6.76 9.65
C ALA A 167 -2.60 5.92 8.55
N VAL A 168 -1.83 5.65 7.52
CA VAL A 168 -2.32 4.88 6.37
C VAL A 168 -1.48 3.63 6.26
N GLY A 169 -2.11 2.55 5.82
CA GLY A 169 -1.38 1.32 5.56
C GLY A 169 -2.31 0.27 5.02
N GLY A 170 -1.71 -0.82 4.58
CA GLY A 170 -2.49 -1.99 4.21
C GLY A 170 -3.14 -2.59 5.43
N MET A 171 -4.11 -3.48 5.17
CA MET A 171 -4.83 -4.09 6.29
C MET A 171 -3.90 -4.85 7.23
N GLU A 172 -2.71 -5.26 6.76
CA GLU A 172 -1.84 -6.03 7.62
C GLU A 172 -1.32 -5.21 8.79
N GLN A 173 -1.35 -3.88 8.68
CA GLN A 173 -0.89 -2.97 9.72
C GLN A 173 -1.92 -2.72 10.80
N ARG A 174 -3.12 -3.29 10.70
CA ARG A 174 -4.22 -2.81 11.52
C ARG A 174 -4.03 -3.16 12.99
N LYS A 175 -3.40 -4.30 13.31
CA LYS A 175 -3.19 -4.64 14.71
C LYS A 175 -2.11 -3.76 15.33
N ILE A 176 -1.05 -3.45 14.59
CA ILE A 176 -0.14 -2.43 15.11
C ILE A 176 -0.89 -1.11 15.31
N HIS A 177 -1.78 -0.77 14.38
CA HIS A 177 -2.51 0.49 14.51
C HIS A 177 -3.44 0.47 15.71
N MET A 178 -4.15 -0.65 15.92
N MET A 178 -4.13 -0.65 15.95
CA MET A 178 -4.99 -0.78 17.10
CA MET A 178 -5.01 -0.72 17.11
C MET A 178 -4.17 -0.58 18.37
C MET A 178 -4.24 -0.73 18.42
N LEU A 179 -2.94 -1.09 18.38
CA LEU A 179 -2.11 -0.91 19.55
C LEU A 179 -1.79 0.56 19.77
N ALA A 180 -1.49 1.29 18.69
CA ALA A 180 -1.25 2.73 18.80
C ALA A 180 -2.48 3.44 19.37
N ARG A 181 -3.67 3.03 18.93
CA ARG A 181 -4.88 3.68 19.42
C ARG A 181 -5.09 3.43 20.91
N GLU A 182 -4.63 2.29 21.43
CA GLU A 182 -4.80 2.02 22.86
C GLU A 182 -3.73 2.67 23.72
N LEU A 183 -2.50 2.74 23.21
CA LEU A 183 -1.37 3.16 24.04
C LEU A 183 -1.10 4.67 24.02
N LEU A 184 -1.34 5.33 22.91
CA LEU A 184 -0.91 6.71 22.73
C LEU A 184 -1.97 7.69 23.25
N PRO A 185 -1.54 8.85 23.75
CA PRO A 185 -2.50 9.82 24.31
C PRO A 185 -3.37 10.48 23.25
N LYS A 186 -2.90 10.57 22.01
CA LYS A 186 -3.66 11.13 20.92
C LYS A 186 -4.03 10.00 19.97
N LYS A 187 -5.33 9.76 19.78
CA LYS A 187 -5.76 8.68 18.90
C LYS A 187 -5.57 9.07 17.44
N VAL A 188 -4.84 8.25 16.71
N VAL A 188 -4.83 8.26 16.71
CA VAL A 188 -4.55 8.47 15.29
CA VAL A 188 -4.55 8.49 15.29
C VAL A 188 -5.65 7.87 14.45
C VAL A 188 -5.67 7.87 14.46
N VAL A 189 -6.14 8.62 13.47
CA VAL A 189 -7.14 8.09 12.53
C VAL A 189 -6.41 7.15 11.59
N CYS A 190 -6.92 5.92 11.49
CA CYS A 190 -6.25 4.85 10.75
C CYS A 190 -7.04 4.51 9.50
N ILE A 191 -6.36 4.47 8.37
CA ILE A 191 -6.97 4.21 7.06
C ILE A 191 -6.27 3.00 6.47
N HIS A 192 -7.03 1.93 6.26
CA HIS A 192 -6.46 0.67 5.81
C HIS A 192 -6.88 0.40 4.37
N ASN A 193 -5.92 0.17 3.51
CA ASN A 193 -6.15 -0.19 2.13
C ASN A 193 -6.21 -1.69 2.00
N PRO A 194 -6.90 -2.20 0.98
CA PRO A 194 -6.94 -3.65 0.76
C PRO A 194 -5.56 -4.22 0.43
N VAL A 195 -5.45 -5.52 0.65
CA VAL A 195 -4.25 -6.26 0.33
C VAL A 195 -4.51 -6.92 -1.01
N LEU A 196 -3.66 -6.60 -1.99
CA LEU A 196 -3.87 -7.16 -3.32
C LEU A 196 -3.52 -8.65 -3.36
N THR A 197 -4.19 -9.37 -4.25
CA THR A 197 -3.89 -10.78 -4.42
C THR A 197 -2.67 -10.94 -5.32
N GLY A 198 -1.86 -11.96 -5.04
CA GLY A 198 -0.77 -12.27 -5.94
C GLY A 198 -1.28 -12.68 -7.30
N LEU A 199 -0.43 -12.49 -8.31
CA LEU A 199 -0.82 -12.79 -9.69
C LEU A 199 -1.23 -14.25 -9.88
N ASP A 200 -0.60 -15.17 -9.18
CA ASP A 200 -0.95 -16.57 -9.33
C ASP A 200 -2.16 -16.96 -8.48
N GLY A 201 -2.81 -16.00 -7.85
CA GLY A 201 -3.96 -16.25 -7.00
C GLY A 201 -3.67 -16.97 -5.70
N GLU A 202 -2.47 -17.51 -5.50
CA GLU A 202 -2.22 -18.41 -4.38
C GLU A 202 -2.10 -17.70 -3.05
N GLY A 203 -1.89 -16.40 -3.03
CA GLY A 203 -1.84 -15.69 -1.78
C GLY A 203 -1.82 -14.20 -2.00
N LYS A 204 -1.42 -13.47 -0.97
CA LYS A 204 -1.33 -12.03 -1.05
C LYS A 204 -0.05 -11.60 -1.78
N MET A 205 -0.16 -10.46 -2.49
CA MET A 205 0.96 -9.94 -3.27
C MET A 205 2.08 -9.46 -2.35
N SER A 206 3.31 -9.79 -2.72
CA SER A 206 4.46 -9.52 -1.88
C SER A 206 5.68 -9.30 -2.75
N SER A 207 6.60 -8.45 -2.29
CA SER A 207 7.84 -8.25 -3.02
C SER A 207 8.74 -9.48 -2.88
N SER A 208 8.64 -10.19 -1.76
CA SER A 208 9.42 -11.39 -1.51
C SER A 208 8.77 -12.64 -2.08
N LYS A 209 7.52 -12.59 -2.47
CA LYS A 209 6.88 -13.73 -3.12
C LYS A 209 6.97 -13.68 -4.63
N GLY A 210 7.46 -12.58 -5.21
CA GLY A 210 7.65 -12.53 -6.65
C GLY A 210 6.38 -12.80 -7.44
N ASN A 211 5.26 -12.26 -6.98
CA ASN A 211 3.99 -12.47 -7.64
C ASN A 211 3.33 -11.15 -7.97
N PHE A 212 4.12 -10.12 -8.23
CA PHE A 212 3.65 -8.75 -8.35
C PHE A 212 3.95 -8.20 -9.74
N ILE A 213 3.19 -7.19 -10.12
CA ILE A 213 3.56 -6.28 -11.20
C ILE A 213 4.28 -5.08 -10.57
N ALA A 214 5.50 -4.83 -11.01
CA ALA A 214 6.23 -3.66 -10.56
C ALA A 214 5.91 -2.47 -11.46
N VAL A 215 5.91 -1.27 -10.88
CA VAL A 215 5.45 -0.10 -11.63
C VAL A 215 6.36 0.23 -12.79
N ASP A 216 7.58 -0.30 -12.78
CA ASP A 216 8.52 -0.07 -13.86
C ASP A 216 8.72 -1.31 -14.73
N ASP A 217 7.83 -2.31 -14.63
CA ASP A 217 7.90 -3.46 -15.51
C ASP A 217 7.75 -2.98 -16.95
N SER A 218 8.43 -3.64 -17.87
CA SER A 218 8.25 -3.30 -19.28
C SER A 218 6.88 -3.75 -19.76
N PRO A 219 6.35 -3.13 -20.80
CA PRO A 219 5.04 -3.56 -21.32
C PRO A 219 4.96 -5.04 -21.67
N GLU A 220 5.97 -5.63 -22.32
CA GLU A 220 5.89 -7.06 -22.61
C GLU A 220 5.84 -7.87 -21.32
N GLU A 221 6.57 -7.42 -20.29
CA GLU A 221 6.53 -8.10 -19.01
C GLU A 221 5.16 -7.95 -18.37
N ILE A 222 4.54 -6.78 -18.49
CA ILE A 222 3.18 -6.61 -17.97
C ILE A 222 2.23 -7.55 -18.71
N ARG A 223 2.32 -7.60 -20.04
CA ARG A 223 1.42 -8.46 -20.80
C ARG A 223 1.61 -9.92 -20.41
N ALA A 224 2.87 -10.36 -20.26
CA ALA A 224 3.13 -11.76 -19.94
C ALA A 224 2.70 -12.08 -18.52
N LYS A 225 2.82 -11.13 -17.60
CA LYS A 225 2.39 -11.38 -16.23
C LYS A 225 0.86 -11.49 -16.14
N ILE A 226 0.15 -10.56 -16.78
CA ILE A 226 -1.32 -10.65 -16.85
C ILE A 226 -1.74 -11.93 -17.54
N LYS A 227 -1.09 -12.26 -18.67
CA LYS A 227 -1.52 -13.42 -19.44
C LYS A 227 -1.49 -14.70 -18.60
N LYS A 228 -0.48 -14.86 -17.74
CA LYS A 228 -0.34 -16.07 -16.94
C LYS A 228 -1.22 -16.06 -15.69
N ALA A 229 -1.81 -14.92 -15.33
CA ALA A 229 -2.41 -14.73 -14.01
C ALA A 229 -3.65 -15.59 -13.81
N TYR A 230 -3.87 -15.92 -12.54
CA TYR A 230 -5.12 -16.52 -12.10
C TYR A 230 -6.29 -15.59 -12.40
N CYS A 231 -7.33 -16.14 -13.02
CA CYS A 231 -8.42 -15.30 -13.48
C CYS A 231 -9.53 -16.17 -14.03
N PRO A 232 -10.25 -16.89 -13.16
CA PRO A 232 -11.26 -17.83 -13.64
C PRO A 232 -12.55 -17.12 -13.99
N ALA A 233 -13.18 -17.58 -15.06
CA ALA A 233 -14.41 -16.95 -15.55
C ALA A 233 -15.47 -16.88 -14.47
N GLY A 234 -16.05 -15.69 -14.29
CA GLY A 234 -17.09 -15.47 -13.31
C GLY A 234 -16.64 -15.37 -11.88
N VAL A 235 -15.34 -15.55 -11.61
CA VAL A 235 -14.79 -15.55 -10.26
C VAL A 235 -14.17 -14.19 -10.01
N VAL A 236 -14.74 -13.45 -9.08
CA VAL A 236 -14.27 -12.11 -8.74
C VAL A 236 -13.38 -12.14 -7.52
N GLU A 237 -13.76 -12.93 -6.51
CA GLU A 237 -13.03 -12.97 -5.26
C GLU A 237 -11.66 -13.61 -5.46
N GLY A 238 -10.63 -12.98 -4.91
CA GLY A 238 -9.28 -13.43 -5.09
C GLY A 238 -8.79 -13.39 -6.52
N ASN A 239 -9.40 -12.56 -7.37
CA ASN A 239 -9.04 -12.49 -8.77
C ASN A 239 -8.17 -11.27 -9.01
N PRO A 240 -6.85 -11.41 -9.14
CA PRO A 240 -5.98 -10.23 -9.20
C PRO A 240 -6.23 -9.36 -10.40
N ILE A 241 -6.78 -9.89 -11.50
CA ILE A 241 -7.07 -9.05 -12.67
C ILE A 241 -8.24 -8.12 -12.38
N MET A 242 -9.30 -8.63 -11.76
CA MET A 242 -10.41 -7.76 -11.39
C MET A 242 -9.95 -6.72 -10.38
N GLU A 243 -9.10 -7.12 -9.42
CA GLU A 243 -8.56 -6.17 -8.46
C GLU A 243 -7.87 -5.01 -9.15
N ILE A 244 -7.10 -5.32 -10.20
CA ILE A 244 -6.42 -4.26 -10.94
C ILE A 244 -7.43 -3.36 -11.65
N ALA A 245 -8.43 -3.97 -12.29
CA ALA A 245 -9.49 -3.17 -12.91
C ALA A 245 -10.16 -2.26 -11.89
N LYS A 246 -10.46 -2.80 -10.69
CA LYS A 246 -11.14 -2.03 -9.66
C LYS A 246 -10.27 -0.91 -9.11
N TYR A 247 -8.97 -1.18 -8.89
CA TYR A 247 -8.15 -0.27 -8.10
C TYR A 247 -7.35 0.74 -8.92
N PHE A 248 -7.07 0.48 -10.21
CA PHE A 248 -6.12 1.29 -10.95
C PHE A 248 -6.66 1.89 -12.24
N LEU A 249 -7.65 1.26 -12.85
CA LEU A 249 -8.13 1.70 -14.15
C LEU A 249 -9.12 2.86 -14.01
N GLU A 250 -9.27 3.61 -15.10
CA GLU A 250 -10.16 4.75 -15.19
C GLU A 250 -11.41 4.38 -15.98
N TYR A 251 -12.56 4.82 -15.51
CA TYR A 251 -13.82 4.54 -16.21
C TYR A 251 -14.44 5.86 -16.67
N PRO A 252 -15.30 5.79 -17.71
CA PRO A 252 -15.66 4.57 -18.43
C PRO A 252 -14.49 3.91 -19.12
N LEU A 253 -14.64 2.63 -19.39
CA LEU A 253 -13.60 1.79 -19.93
C LEU A 253 -14.10 1.12 -21.21
N THR A 254 -13.33 1.25 -22.28
CA THR A 254 -13.63 0.58 -23.54
C THR A 254 -12.78 -0.67 -23.62
N ILE A 255 -13.44 -1.82 -23.79
CA ILE A 255 -12.76 -3.11 -23.85
C ILE A 255 -12.81 -3.60 -25.29
N LYS A 256 -11.66 -3.65 -25.93
CA LYS A 256 -11.59 -4.06 -27.32
C LYS A 256 -11.69 -5.59 -27.42
N ARG A 257 -12.52 -6.07 -28.33
CA ARG A 257 -12.48 -7.49 -28.65
C ARG A 257 -12.98 -7.67 -30.07
N PRO A 258 -12.59 -8.75 -30.72
CA PRO A 258 -13.07 -9.00 -32.08
C PRO A 258 -14.58 -9.02 -32.16
N GLU A 259 -15.10 -8.66 -33.33
CA GLU A 259 -16.55 -8.71 -33.56
C GLU A 259 -17.09 -10.11 -33.32
N LYS A 260 -16.31 -11.15 -33.62
CA LYS A 260 -16.76 -12.53 -33.45
C LYS A 260 -16.91 -12.92 -31.98
N PHE A 261 -16.41 -12.12 -31.05
CA PHE A 261 -16.63 -12.34 -29.63
C PHE A 261 -17.53 -11.27 -29.01
N GLY A 262 -18.24 -10.51 -29.83
CA GLY A 262 -19.13 -9.49 -29.33
C GLY A 262 -18.70 -8.08 -29.64
N GLY A 263 -17.46 -7.88 -30.10
CA GLY A 263 -16.99 -6.55 -30.42
C GLY A 263 -16.78 -5.69 -29.19
N ASP A 264 -16.21 -4.51 -29.44
CA ASP A 264 -15.79 -3.62 -28.37
C ASP A 264 -16.91 -3.44 -27.34
N LEU A 265 -16.51 -3.40 -26.08
CA LEU A 265 -17.41 -3.29 -24.95
C LEU A 265 -17.02 -2.05 -24.14
N THR A 266 -18.02 -1.21 -23.82
CA THR A 266 -17.83 -0.03 -22.98
C THR A 266 -18.53 -0.25 -21.64
N VAL A 267 -17.77 -0.11 -20.56
CA VAL A 267 -18.29 -0.25 -19.20
C VAL A 267 -18.04 1.06 -18.44
N ASN A 268 -19.09 1.62 -17.86
CA ASN A 268 -19.04 2.94 -17.23
C ASN A 268 -18.62 2.91 -15.78
N SER A 269 -18.34 1.75 -15.21
CA SER A 269 -17.91 1.65 -13.83
C SER A 269 -17.34 0.27 -13.60
N TYR A 270 -16.42 0.16 -12.64
CA TYR A 270 -15.97 -1.17 -12.25
C TYR A 270 -17.16 -2.05 -11.86
N GLU A 271 -18.21 -1.47 -11.29
CA GLU A 271 -19.40 -2.23 -10.92
C GLU A 271 -20.04 -2.90 -12.13
N GLU A 272 -20.13 -2.18 -13.26
CA GLU A 272 -20.62 -2.83 -14.48
C GLU A 272 -19.67 -3.96 -14.90
N LEU A 273 -18.36 -3.71 -14.85
CA LEU A 273 -17.40 -4.73 -15.24
C LEU A 273 -17.59 -6.01 -14.42
N GLU A 274 -17.63 -5.86 -13.09
CA GLU A 274 -17.92 -6.99 -12.22
C GLU A 274 -19.21 -7.71 -12.61
N SER A 275 -20.24 -6.95 -12.98
CA SER A 275 -21.48 -7.59 -13.40
C SER A 275 -21.29 -8.38 -14.69
N LEU A 276 -20.70 -7.74 -15.71
CA LEU A 276 -20.40 -8.45 -16.96
C LEU A 276 -19.52 -9.66 -16.73
N PHE A 277 -18.58 -9.57 -15.79
CA PHE A 277 -17.67 -10.69 -15.55
C PHE A 277 -18.39 -11.84 -14.84
N LYS A 278 -19.21 -11.52 -13.84
CA LYS A 278 -19.86 -12.56 -13.05
C LYS A 278 -20.77 -13.42 -13.91
N ASN A 279 -21.69 -12.79 -14.63
CA ASN A 279 -22.60 -13.59 -15.44
C ASN A 279 -21.94 -13.90 -16.77
N LYS A 280 -20.60 -13.97 -16.75
CA LYS A 280 -19.80 -14.57 -17.81
C LYS A 280 -20.10 -13.99 -19.18
N GLU A 281 -20.39 -12.69 -19.22
CA GLU A 281 -20.50 -12.01 -20.49
C GLU A 281 -19.16 -11.55 -21.03
N LEU A 282 -18.17 -11.38 -20.16
CA LEU A 282 -16.83 -10.95 -20.55
C LEU A 282 -15.84 -12.07 -20.23
N HIS A 283 -15.15 -12.57 -21.28
CA HIS A 283 -14.22 -13.68 -21.12
C HIS A 283 -12.91 -13.21 -20.49
N PRO A 284 -12.29 -14.06 -19.66
CA PRO A 284 -11.01 -13.69 -19.03
C PRO A 284 -9.94 -13.22 -20.02
N MET A 285 -9.86 -13.82 -21.21
CA MET A 285 -8.85 -13.36 -22.16
C MET A 285 -9.06 -11.90 -22.55
N ASP A 286 -10.31 -11.49 -22.75
CA ASP A 286 -10.55 -10.10 -23.16
C ASP A 286 -10.37 -9.15 -22.00
N LEU A 287 -10.77 -9.56 -20.79
CA LEU A 287 -10.48 -8.77 -19.61
C LEU A 287 -8.98 -8.57 -19.44
N LYS A 288 -8.19 -9.64 -19.60
CA LYS A 288 -6.75 -9.53 -19.45
C LYS A 288 -6.16 -8.56 -20.46
N ASN A 289 -6.60 -8.64 -21.72
CA ASN A 289 -6.04 -7.76 -22.74
C ASN A 289 -6.29 -6.31 -22.39
N ALA A 290 -7.52 -5.99 -21.98
CA ALA A 290 -7.86 -4.62 -21.67
C ALA A 290 -7.12 -4.13 -20.43
N VAL A 291 -7.07 -4.97 -19.39
CA VAL A 291 -6.38 -4.57 -18.16
C VAL A 291 -4.90 -4.31 -18.43
N ALA A 292 -4.27 -5.17 -19.24
CA ALA A 292 -2.85 -5.00 -19.48
C ALA A 292 -2.56 -3.71 -20.24
N GLU A 293 -3.36 -3.41 -21.27
CA GLU A 293 -3.07 -2.24 -22.08
C GLU A 293 -3.34 -0.94 -21.33
N GLU A 294 -4.39 -0.92 -20.52
CA GLU A 294 -4.67 0.27 -19.71
C GLU A 294 -3.64 0.44 -18.60
N LEU A 295 -3.27 -0.66 -17.95
CA LEU A 295 -2.23 -0.58 -16.91
C LEU A 295 -0.92 -0.10 -17.50
N ILE A 296 -0.58 -0.59 -18.69
CA ILE A 296 0.62 -0.10 -19.39
C ILE A 296 0.58 1.41 -19.53
N LYS A 297 -0.54 1.95 -20.02
CA LYS A 297 -0.65 3.39 -20.23
C LYS A 297 -0.60 4.13 -18.90
N ILE A 298 -1.20 3.56 -17.86
CA ILE A 298 -1.21 4.22 -16.55
C ILE A 298 0.18 4.25 -15.94
N LEU A 299 0.94 3.16 -16.08
CA LEU A 299 2.28 3.11 -15.50
C LEU A 299 3.33 3.80 -16.37
N GLU A 300 3.04 4.04 -17.64
CA GLU A 300 3.98 4.63 -18.58
C GLU A 300 4.72 5.84 -18.04
N PRO A 301 4.02 6.89 -17.59
CA PRO A 301 4.75 8.08 -17.12
C PRO A 301 5.74 7.77 -16.01
N ILE A 302 5.41 6.83 -15.12
CA ILE A 302 6.31 6.47 -14.03
C ILE A 302 7.55 5.78 -14.56
N ARG A 303 7.37 4.77 -15.42
CA ARG A 303 8.49 4.07 -16.03
C ARG A 303 9.35 5.03 -16.83
N LYS A 304 8.73 6.00 -17.50
CA LYS A 304 9.48 6.96 -18.30
C LYS A 304 10.32 7.88 -17.41
N ARG A 305 9.74 8.40 -16.32
CA ARG A 305 10.52 9.26 -15.44
C ARG A 305 11.69 8.51 -14.81
N LEU A 306 11.50 7.22 -14.51
CA LEU A 306 12.57 6.43 -13.93
C LEU A 306 13.64 6.12 -14.97
N LEU A 307 13.23 5.86 -16.21
CA LEU A 307 14.19 5.63 -17.29
C LEU A 307 14.89 6.91 -17.74
N GLU A 308 14.31 8.09 -17.48
CA GLU A 308 14.96 9.33 -17.91
C GLU A 308 16.34 9.52 -17.32
N HIS A 309 16.65 8.81 -16.22
CA HIS A 309 17.91 9.03 -15.52
C HIS A 309 19.09 8.42 -16.27
N HIS A 310 18.89 7.24 -16.85
CA HIS A 310 19.97 6.51 -17.53
C HIS A 310 20.58 7.31 -18.68
N01 2L7 B . 5.20 -2.08 9.18
C02 2L7 B . 5.41 -1.58 7.89
C03 2L7 B . 6.41 -0.53 7.75
C04 2L7 B . 6.27 0.78 8.42
C05 2L7 B . 4.95 1.45 8.36
C06 2L7 B . 4.77 2.78 8.98
C07 2L7 B . 5.89 3.43 9.70
N08 2L7 B . 5.72 4.74 10.22
C09 2L7 B . 4.55 5.54 10.06
C10 2L7 B . 4.58 6.95 10.54
C11 2L7 B . 3.24 7.35 11.02
BR1 2L7 B . 5.04 7.98 8.97
C13 2L7 B . 5.66 7.15 11.55
O14 2L7 B . 3.51 5.13 9.57
C15 2L7 B . 7.24 2.79 9.74
C16 2L7 B . 7.42 1.44 9.11
C17 2L7 B . 5.58 -2.60 6.88
O18 2L7 B . 6.27 -2.37 5.86
O19 2L7 B . 5.06 -3.72 7.08
H4 2L7 B . 4.57 -1.14 7.67
#